data_4XRW
#
_entry.id   4XRW
#
_cell.length_a   63.680
_cell.length_b   63.680
_cell.length_c   170.371
_cell.angle_alpha   90.00
_cell.angle_beta   90.00
_cell.angle_gamma   90.00
#
_symmetry.space_group_name_H-M   'P 41 21 2'
#
loop_
_entity.id
_entity.type
_entity.pdbx_description
1 polymer BexL
2 non-polymer '2-(N-MORPHOLINO)-ETHANESULFONIC ACID'
3 water water
#
_entity_poly.entity_id   1
_entity_poly.type   'polypeptide(L)'
_entity_poly.pdbx_seq_one_letter_code
;MGSSHHHHHHSSGLVPRGSHMREAEHDILVDAPADEVYRLVAEVANWPRIFPPTVFVDHVERGEGTERIRIWATANGEPK
NWTSRRELDPAARRISFHQEVSTPPVAEMSGTWIVEPVSAATAKVRLLHAYRAVGDDPGGLAWIDRAVDTNSRSELAALK
HNVELVTNPELTFSFTDTVRIDAPAKDVYDFVDQAALWAERLPHVSSVDLREPSPGLQVLRMDTRAKDGSVHTTESVRVC
FPHHRIVYKQTTLPALMTLHTGRWDFAEEPGGGTTASSEHTVVLNTANIAKVLGAGAGVAEAREFVRTALSTNSRATLGF
AKDHAEARP
;
_entity_poly.pdbx_strand_id   A
#
loop_
_chem_comp.id
_chem_comp.type
_chem_comp.name
_chem_comp.formula
MES non-polymer '2-(N-MORPHOLINO)-ETHANESULFONIC ACID' 'C6 H13 N O4 S'
#
# COMPACT_ATOMS: atom_id res chain seq x y z
N MET A 21 -17.48 -2.20 -28.18
CA MET A 21 -17.35 -1.85 -26.76
C MET A 21 -17.97 -2.93 -25.87
N ARG A 22 -17.13 -3.77 -25.27
CA ARG A 22 -17.59 -4.84 -24.41
C ARG A 22 -17.83 -4.40 -22.98
N GLU A 23 -18.74 -5.11 -22.33
CA GLU A 23 -19.08 -4.86 -20.93
C GLU A 23 -18.87 -6.14 -20.12
N ALA A 24 -18.42 -6.00 -18.89
CA ALA A 24 -18.32 -7.13 -17.98
C ALA A 24 -18.81 -6.73 -16.63
N GLU A 25 -19.22 -7.73 -15.86
CA GLU A 25 -19.64 -7.50 -14.47
C GLU A 25 -19.30 -8.72 -13.61
N HIS A 26 -18.68 -8.41 -12.49
CA HIS A 26 -18.37 -9.39 -11.47
C HIS A 26 -18.92 -8.91 -10.14
N ASP A 27 -19.29 -9.82 -9.24
CA ASP A 27 -19.69 -9.38 -7.92
C ASP A 27 -19.23 -10.35 -6.84
N ILE A 28 -19.30 -9.89 -5.60
CA ILE A 28 -18.95 -10.65 -4.41
C ILE A 28 -19.74 -10.10 -3.24
N LEU A 29 -19.99 -10.94 -2.22
CA LEU A 29 -20.61 -10.48 -0.99
C LEU A 29 -19.52 -10.18 0.01
N VAL A 30 -19.68 -9.09 0.77
CA VAL A 30 -18.69 -8.68 1.76
C VAL A 30 -19.36 -8.44 3.12
N ASP A 31 -18.76 -8.94 4.20
CA ASP A 31 -19.39 -8.85 5.52
C ASP A 31 -19.03 -7.55 6.25
N ALA A 32 -19.37 -6.44 5.60
CA ALA A 32 -19.33 -5.12 6.21
C ALA A 32 -20.50 -4.35 5.61
N PRO A 33 -20.93 -3.27 6.27
CA PRO A 33 -22.08 -2.55 5.72
C PRO A 33 -21.72 -1.79 4.43
N ALA A 34 -22.71 -1.53 3.60
CA ALA A 34 -22.50 -0.87 2.30
C ALA A 34 -21.79 0.47 2.43
N ASP A 35 -22.10 1.23 3.46
CA ASP A 35 -21.54 2.57 3.57
C ASP A 35 -20.03 2.52 3.84
N GLU A 36 -19.59 1.53 4.60
CA GLU A 36 -18.19 1.37 4.92
C GLU A 36 -17.39 0.85 3.73
N VAL A 37 -17.95 -0.10 2.98
CA VAL A 37 -17.25 -0.59 1.80
C VAL A 37 -17.10 0.56 0.81
N TYR A 38 -18.18 1.31 0.59
CA TYR A 38 -18.15 2.48 -0.27
C TYR A 38 -17.05 3.41 0.17
N ARG A 39 -17.00 3.71 1.45
CA ARG A 39 -16.02 4.63 2.00
C ARG A 39 -14.59 4.16 1.74
N LEU A 40 -14.35 2.86 1.82
CA LEU A 40 -12.98 2.35 1.67
C LEU A 40 -12.48 2.44 0.24
N VAL A 41 -13.39 2.34 -0.72
CA VAL A 41 -13.03 2.48 -2.12
C VAL A 41 -13.04 3.96 -2.51
N ALA A 42 -13.92 4.73 -1.92
CA ALA A 42 -14.01 6.15 -2.29
C ALA A 42 -12.83 6.95 -1.75
N GLU A 43 -12.42 6.64 -0.53
CA GLU A 43 -11.33 7.36 0.14
C GLU A 43 -9.97 6.64 -0.07
N VAL A 44 -9.17 7.16 -0.99
CA VAL A 44 -8.05 6.40 -1.56
C VAL A 44 -6.90 6.17 -0.62
N ALA A 45 -6.89 6.89 0.50
CA ALA A 45 -5.91 6.64 1.53
C ALA A 45 -6.05 5.18 2.00
N ASN A 46 -7.23 4.58 1.78
CA ASN A 46 -7.50 3.22 2.21
C ASN A 46 -7.09 2.13 1.21
N TRP A 47 -6.74 2.52 0.00
CA TRP A 47 -6.55 1.49 -1.02
C TRP A 47 -5.43 0.51 -0.67
N PRO A 48 -4.31 1.00 -0.10
CA PRO A 48 -3.24 0.00 0.15
C PRO A 48 -3.71 -1.10 1.11
N ARG A 49 -4.69 -0.78 1.97
CA ARG A 49 -5.16 -1.77 2.93
C ARG A 49 -6.10 -2.80 2.33
N ILE A 50 -6.81 -2.42 1.27
CA ILE A 50 -7.85 -3.30 0.67
C ILE A 50 -7.52 -3.85 -0.71
N PHE A 51 -6.60 -3.17 -1.42
CA PHE A 51 -6.05 -3.67 -2.68
C PHE A 51 -4.57 -4.02 -2.51
N PRO A 52 -4.24 -5.30 -2.38
CA PRO A 52 -2.84 -5.65 -2.09
C PRO A 52 -1.80 -5.08 -3.06
N PRO A 53 -2.09 -4.93 -4.36
CA PRO A 53 -1.06 -4.34 -5.21
C PRO A 53 -0.78 -2.84 -4.98
N THR A 54 -1.71 -2.13 -4.39
CA THR A 54 -1.62 -0.67 -4.33
C THR A 54 -0.61 -0.24 -3.27
N VAL A 55 0.33 0.60 -3.67
CA VAL A 55 1.30 1.16 -2.71
C VAL A 55 0.87 2.54 -2.19
N PHE A 56 0.35 3.39 -3.06
CA PHE A 56 -0.09 4.72 -2.63
C PHE A 56 -0.96 5.34 -3.72
N VAL A 57 -1.85 6.24 -3.33
CA VAL A 57 -2.68 6.96 -4.25
C VAL A 57 -2.67 8.42 -3.87
N ASP A 58 -2.44 9.32 -4.80
CA ASP A 58 -2.75 10.71 -4.41
C ASP A 58 -3.47 11.43 -5.52
N HIS A 59 -3.83 12.68 -5.25
CA HIS A 59 -4.68 13.40 -6.18
C HIS A 59 -3.86 14.25 -7.13
N VAL A 60 -4.32 14.27 -8.38
CA VAL A 60 -3.81 15.15 -9.41
C VAL A 60 -4.73 16.37 -9.55
N GLU A 61 -6.03 16.13 -9.42
CA GLU A 61 -7.06 17.15 -9.57
C GLU A 61 -8.16 16.80 -8.58
N ARG A 62 -8.50 17.74 -7.71
CA ARG A 62 -9.55 17.52 -6.72
C ARG A 62 -10.81 18.27 -7.14
N GLY A 63 -11.97 17.78 -6.73
CA GLY A 63 -13.23 18.42 -7.10
C GLY A 63 -14.46 17.68 -6.63
N THR A 66 -16.04 15.29 -9.54
CA THR A 66 -15.04 14.62 -10.36
C THR A 66 -13.62 14.84 -9.82
N GLU A 67 -12.73 13.88 -10.07
CA GLU A 67 -11.36 13.98 -9.59
C GLU A 67 -10.42 13.17 -10.47
N ARG A 68 -9.13 13.48 -10.43
CA ARG A 68 -8.13 12.64 -11.07
C ARG A 68 -7.11 12.22 -10.02
N ILE A 69 -6.76 10.94 -10.05
CA ILE A 69 -5.86 10.37 -9.04
C ILE A 69 -4.71 9.67 -9.77
N ARG A 70 -3.61 9.58 -9.05
CA ARG A 70 -2.40 8.90 -9.47
C ARG A 70 -2.18 7.74 -8.53
N ILE A 71 -2.10 6.55 -9.11
CA ILE A 71 -2.03 5.29 -8.40
C ILE A 71 -0.64 4.70 -8.63
N TRP A 72 0.05 4.36 -7.54
CA TRP A 72 1.27 3.58 -7.62
C TRP A 72 0.96 2.14 -7.12
N ALA A 73 1.37 1.15 -7.89
CA ALA A 73 1.11 -0.25 -7.57
C ALA A 73 2.23 -1.18 -8.01
N THR A 74 2.20 -2.38 -7.46
CA THR A 74 3.31 -3.35 -7.65
C THR A 74 3.28 -4.00 -9.03
N ALA A 75 2.10 -4.10 -9.65
CA ALA A 75 1.97 -4.59 -11.03
C ALA A 75 2.74 -5.90 -11.30
N ASN A 76 2.54 -6.89 -10.45
CA ASN A 76 3.11 -8.21 -10.67
C ASN A 76 4.63 -8.23 -10.90
N GLY A 77 5.38 -7.43 -10.12
CA GLY A 77 6.83 -7.47 -10.15
C GLY A 77 7.49 -6.31 -10.87
N GLU A 78 6.67 -5.45 -11.46
CA GLU A 78 7.16 -4.30 -12.22
C GLU A 78 6.38 -3.06 -11.83
N PRO A 79 6.70 -2.50 -10.66
CA PRO A 79 5.90 -1.38 -10.18
C PRO A 79 5.77 -0.24 -11.17
N LYS A 80 4.64 0.45 -11.10
CA LYS A 80 4.36 1.51 -12.04
C LYS A 80 3.30 2.43 -11.47
N ASN A 81 3.16 3.60 -12.08
CA ASN A 81 2.05 4.48 -11.75
C ASN A 81 1.24 4.81 -12.99
N TRP A 82 -0.02 5.15 -12.75
CA TRP A 82 -0.94 5.60 -13.82
C TRP A 82 -1.99 6.53 -13.19
N THR A 83 -2.73 7.21 -14.05
CA THR A 83 -3.78 8.10 -13.56
C THR A 83 -5.14 7.59 -14.01
N SER A 84 -6.11 7.96 -13.21
CA SER A 84 -7.50 7.57 -13.35
C SER A 84 -8.37 8.77 -13.05
N ARG A 85 -9.43 8.92 -13.82
CA ARG A 85 -10.45 9.92 -13.55
C ARG A 85 -11.66 9.25 -12.98
N ARG A 86 -12.17 9.79 -11.87
CA ARG A 86 -13.32 9.17 -11.19
C ARG A 86 -14.43 10.19 -10.95
N GLU A 87 -15.64 9.65 -10.94
CA GLU A 87 -16.82 10.39 -10.53
C GLU A 87 -17.50 9.63 -9.42
N LEU A 88 -17.70 10.31 -8.29
CA LEU A 88 -18.20 9.67 -7.07
C LEU A 88 -19.69 10.03 -6.84
N ASP A 89 -20.52 9.05 -6.52
CA ASP A 89 -21.95 9.29 -6.21
C ASP A 89 -22.29 8.59 -4.90
N PRO A 90 -22.06 9.27 -3.77
CA PRO A 90 -22.24 8.62 -2.47
C PRO A 90 -23.68 8.20 -2.14
N ALA A 91 -24.66 8.90 -2.67
CA ALA A 91 -26.06 8.57 -2.40
C ALA A 91 -26.41 7.23 -3.03
N ALA A 92 -25.89 7.02 -4.25
CA ALA A 92 -26.12 5.78 -4.97
C ALA A 92 -25.05 4.70 -4.64
N ARG A 93 -24.05 5.11 -3.85
CA ARG A 93 -22.89 4.26 -3.55
C ARG A 93 -22.31 3.74 -4.88
N ARG A 94 -22.05 4.66 -5.80
CA ARG A 94 -21.42 4.32 -7.09
C ARG A 94 -20.16 5.15 -7.30
N ILE A 95 -19.18 4.52 -7.92
CA ILE A 95 -17.93 5.19 -8.29
C ILE A 95 -17.61 4.78 -9.73
N SER A 96 -17.63 5.73 -10.64
CA SER A 96 -17.19 5.51 -12.02
C SER A 96 -15.73 5.85 -12.15
N PHE A 97 -14.98 5.02 -12.86
CA PHE A 97 -13.57 5.35 -13.06
C PHE A 97 -13.20 5.12 -14.51
N HIS A 98 -12.16 5.81 -14.96
CA HIS A 98 -11.71 5.76 -16.34
C HIS A 98 -10.19 5.86 -16.35
N GLN A 99 -9.54 4.82 -16.86
CA GLN A 99 -8.09 4.77 -17.00
C GLN A 99 -7.64 5.78 -18.05
N GLU A 100 -6.70 6.67 -17.73
CA GLU A 100 -6.39 7.79 -18.63
C GLU A 100 -5.44 7.49 -19.76
N VAL A 101 -4.51 6.56 -19.54
CA VAL A 101 -3.58 6.15 -20.55
C VAL A 101 -3.70 4.63 -20.61
N SER A 102 -4.07 4.13 -21.77
CA SER A 102 -4.16 2.69 -21.94
C SER A 102 -3.04 2.19 -22.82
N THR A 103 -2.71 0.91 -22.65
CA THR A 103 -1.63 0.27 -23.40
C THR A 103 -2.25 -0.61 -24.46
N PRO A 104 -1.75 -0.54 -25.71
CA PRO A 104 -2.33 -1.45 -26.70
C PRO A 104 -2.25 -2.89 -26.20
N PRO A 105 -3.26 -3.71 -26.54
CA PRO A 105 -4.34 -3.41 -27.47
C PRO A 105 -5.58 -2.74 -26.83
N VAL A 106 -5.49 -2.25 -25.59
CA VAL A 106 -6.62 -1.57 -24.97
C VAL A 106 -6.73 -0.17 -25.57
N ALA A 107 -7.87 0.13 -26.14
CA ALA A 107 -8.19 1.47 -26.63
C ALA A 107 -8.80 2.31 -25.52
N GLU A 108 -9.68 1.70 -24.73
CA GLU A 108 -10.12 2.33 -23.49
C GLU A 108 -10.65 1.31 -22.49
N MET A 109 -10.50 1.70 -21.24
CA MET A 109 -10.87 0.91 -20.09
C MET A 109 -11.52 1.82 -19.04
N SER A 110 -12.76 1.51 -18.74
CA SER A 110 -13.50 2.20 -17.68
C SER A 110 -14.27 1.18 -16.85
N GLY A 111 -14.77 1.60 -15.71
CA GLY A 111 -15.46 0.70 -14.82
C GLY A 111 -16.34 1.45 -13.84
N THR A 112 -17.08 0.67 -13.06
CA THR A 112 -17.96 1.21 -12.06
C THR A 112 -17.98 0.26 -10.88
N TRP A 113 -17.84 0.83 -9.68
CA TRP A 113 -18.14 0.16 -8.43
C TRP A 113 -19.56 0.52 -8.05
N ILE A 114 -20.32 -0.47 -7.61
CA ILE A 114 -21.67 -0.24 -7.12
C ILE A 114 -21.77 -1.07 -5.85
N VAL A 115 -22.06 -0.44 -4.72
CA VAL A 115 -22.15 -1.14 -3.47
C VAL A 115 -23.61 -1.12 -2.98
N GLU A 116 -24.17 -2.30 -2.77
CA GLU A 116 -25.60 -2.47 -2.45
C GLU A 116 -25.75 -3.10 -1.06
N PRO A 117 -26.60 -2.49 -0.20
CA PRO A 117 -26.81 -3.16 1.09
C PRO A 117 -27.69 -4.39 0.88
N VAL A 118 -27.32 -5.54 1.43
CA VAL A 118 -28.22 -6.68 1.37
C VAL A 118 -28.67 -7.04 2.80
N SER A 119 -27.87 -6.64 3.78
CA SER A 119 -28.34 -6.57 5.17
C SER A 119 -27.60 -5.42 5.86
N ALA A 120 -27.68 -5.36 7.19
CA ALA A 120 -27.13 -4.22 7.91
C ALA A 120 -25.63 -4.31 8.10
N ALA A 121 -25.09 -5.53 8.03
CA ALA A 121 -23.67 -5.78 8.29
C ALA A 121 -22.99 -6.42 7.09
N THR A 122 -23.73 -6.51 5.99
CA THR A 122 -23.28 -7.29 4.85
C THR A 122 -23.70 -6.58 3.55
N ALA A 123 -22.84 -6.64 2.54
CA ALA A 123 -23.06 -5.88 1.31
C ALA A 123 -22.64 -6.65 0.06
N LYS A 124 -23.31 -6.34 -1.03
CA LYS A 124 -22.98 -6.85 -2.34
C LYS A 124 -22.18 -5.80 -3.10
N VAL A 125 -20.99 -6.19 -3.53
CA VAL A 125 -20.11 -5.30 -4.29
C VAL A 125 -20.08 -5.76 -5.72
N ARG A 126 -20.51 -4.88 -6.60
CA ARG A 126 -20.51 -5.11 -8.02
C ARG A 126 -19.41 -4.30 -8.69
N LEU A 127 -18.66 -4.96 -9.58
CA LEU A 127 -17.57 -4.32 -10.29
C LEU A 127 -17.82 -4.50 -11.77
N LEU A 128 -18.10 -3.40 -12.44
CA LEU A 128 -18.39 -3.40 -13.87
C LEU A 128 -17.22 -2.85 -14.67
N HIS A 129 -17.01 -3.38 -15.85
CA HIS A 129 -16.03 -2.81 -16.78
C HIS A 129 -16.64 -2.60 -18.14
N ALA A 130 -16.13 -1.60 -18.85
CA ALA A 130 -16.48 -1.39 -20.22
C ALA A 130 -15.18 -1.14 -20.95
N TYR A 131 -14.92 -1.86 -22.03
CA TYR A 131 -13.66 -1.70 -22.73
C TYR A 131 -13.77 -1.98 -24.20
N ARG A 132 -12.77 -1.49 -24.92
CA ARG A 132 -12.63 -1.92 -26.30
C ARG A 132 -11.17 -1.95 -26.69
N ALA A 133 -10.94 -2.66 -27.78
CA ALA A 133 -9.62 -2.89 -28.30
C ALA A 133 -9.33 -1.86 -29.39
N VAL A 134 -8.05 -1.60 -29.62
CA VAL A 134 -7.67 -0.64 -30.65
C VAL A 134 -8.08 -1.23 -32.00
N GLY A 135 -8.85 -0.49 -32.80
CA GLY A 135 -9.31 -1.03 -34.08
C GLY A 135 -10.27 -2.22 -33.98
N ASP A 136 -10.93 -2.35 -32.84
CA ASP A 136 -11.84 -3.48 -32.52
C ASP A 136 -11.31 -4.83 -32.94
N ASP A 137 -10.00 -4.96 -32.98
CA ASP A 137 -9.33 -6.23 -33.29
C ASP A 137 -9.81 -7.40 -32.44
N PRO A 138 -10.41 -8.42 -33.06
CA PRO A 138 -11.05 -9.49 -32.27
C PRO A 138 -10.10 -10.28 -31.38
N GLY A 139 -8.89 -10.56 -31.83
CA GLY A 139 -7.92 -11.26 -31.00
C GLY A 139 -7.52 -10.46 -29.75
N GLY A 140 -7.16 -9.21 -29.96
CA GLY A 140 -6.80 -8.33 -28.85
C GLY A 140 -7.95 -8.19 -27.87
N LEU A 141 -9.15 -8.14 -28.41
CA LEU A 141 -10.33 -7.94 -27.58
C LEU A 141 -10.57 -9.19 -26.70
N ALA A 142 -10.31 -10.37 -27.23
CA ALA A 142 -10.40 -11.61 -26.43
C ALA A 142 -9.37 -11.65 -25.32
N TRP A 143 -8.17 -11.22 -25.65
CA TRP A 143 -7.10 -11.10 -24.68
C TRP A 143 -7.50 -10.16 -23.54
N ILE A 144 -8.05 -9.00 -23.89
CA ILE A 144 -8.49 -8.07 -22.87
C ILE A 144 -9.55 -8.70 -22.01
N ASP A 145 -10.49 -9.39 -22.65
CA ASP A 145 -11.60 -10.01 -21.94
C ASP A 145 -11.11 -10.96 -20.86
N ARG A 146 -10.12 -11.78 -21.18
CA ARG A 146 -9.60 -12.72 -20.23
C ARG A 146 -8.85 -12.03 -19.12
N ALA A 147 -8.15 -10.96 -19.48
CA ALA A 147 -7.40 -10.17 -18.52
C ALA A 147 -8.33 -9.54 -17.49
N VAL A 148 -9.39 -8.91 -17.98
CA VAL A 148 -10.36 -8.26 -17.11
C VAL A 148 -11.01 -9.29 -16.19
N ASP A 149 -11.33 -10.46 -16.75
CA ASP A 149 -11.98 -11.51 -15.94
C ASP A 149 -11.09 -12.01 -14.81
N THR A 150 -9.86 -12.36 -15.17
CA THR A 150 -8.83 -12.79 -14.23
C THR A 150 -8.58 -11.70 -13.17
N ASN A 151 -8.35 -10.47 -13.62
CA ASN A 151 -8.05 -9.42 -12.67
C ASN A 151 -9.23 -9.05 -11.77
N SER A 152 -10.44 -8.98 -12.33
CA SER A 152 -11.62 -8.61 -11.56
C SER A 152 -11.92 -9.63 -10.48
N ARG A 153 -11.79 -10.92 -10.80
CA ARG A 153 -12.04 -11.95 -9.81
C ARG A 153 -11.05 -11.92 -8.67
N SER A 154 -9.77 -11.71 -8.99
CA SER A 154 -8.75 -11.72 -7.95
C SER A 154 -8.89 -10.44 -7.10
N GLU A 155 -9.22 -9.31 -7.73
CA GLU A 155 -9.42 -8.07 -7.01
C GLU A 155 -10.58 -8.16 -6.04
N LEU A 156 -11.70 -8.72 -6.48
CA LEU A 156 -12.88 -8.81 -5.61
C LEU A 156 -12.63 -9.80 -4.46
N ALA A 157 -11.93 -10.89 -4.74
CA ALA A 157 -11.63 -11.85 -3.68
C ALA A 157 -10.73 -11.23 -2.61
N ALA A 158 -9.72 -10.47 -3.05
CA ALA A 158 -8.83 -9.79 -2.12
C ALA A 158 -9.59 -8.68 -1.37
N LEU A 159 -10.50 -8.00 -2.05
CA LEU A 159 -11.28 -6.96 -1.40
C LEU A 159 -12.08 -7.54 -0.22
N LYS A 160 -12.77 -8.64 -0.47
CA LYS A 160 -13.54 -9.30 0.58
C LYS A 160 -12.64 -9.74 1.74
N HIS A 161 -11.54 -10.41 1.42
CA HIS A 161 -10.61 -10.89 2.45
C HIS A 161 -10.09 -9.75 3.31
N ASN A 162 -9.64 -8.68 2.67
CA ASN A 162 -9.03 -7.58 3.39
C ASN A 162 -10.03 -6.66 4.09
N VAL A 163 -11.18 -6.41 3.47
CA VAL A 163 -12.15 -5.53 4.11
C VAL A 163 -12.58 -6.17 5.41
N GLU A 164 -12.76 -7.48 5.39
CA GLU A 164 -13.22 -8.18 6.60
C GLU A 164 -12.15 -8.17 7.71
N LEU A 165 -10.89 -7.96 7.35
CA LEU A 165 -9.82 -7.83 8.35
C LEU A 165 -9.57 -6.38 8.78
N VAL A 166 -9.57 -5.43 7.84
CA VAL A 166 -9.19 -4.07 8.22
C VAL A 166 -10.32 -3.37 9.00
N THR A 167 -11.55 -3.88 8.90
CA THR A 167 -12.62 -3.34 9.73
C THR A 167 -12.60 -3.96 11.14
N ASN A 168 -11.68 -4.89 11.39
CA ASN A 168 -11.56 -5.51 12.71
C ASN A 168 -10.41 -4.86 13.49
N PRO A 169 -10.74 -4.04 14.51
CA PRO A 169 -9.66 -3.26 15.12
C PRO A 169 -8.70 -4.09 15.94
N GLU A 170 -9.03 -5.35 16.24
CA GLU A 170 -8.09 -6.18 17.01
C GLU A 170 -6.95 -6.69 16.11
N LEU A 171 -7.23 -6.83 14.82
CA LEU A 171 -6.26 -7.36 13.87
C LEU A 171 -5.48 -6.26 13.16
N THR A 172 -6.02 -5.06 13.15
CA THR A 172 -5.44 -3.95 12.37
C THR A 172 -5.07 -2.86 13.32
N PHE A 173 -3.82 -2.40 13.26
CA PHE A 173 -3.39 -1.34 14.15
C PHE A 173 -2.33 -0.50 13.46
N SER A 174 -2.17 0.72 13.94
CA SER A 174 -1.26 1.66 13.34
C SER A 174 -0.57 2.40 14.47
N PHE A 175 0.69 2.77 14.26
CA PHE A 175 1.42 3.51 15.28
C PHE A 175 2.53 4.33 14.60
N THR A 176 2.96 5.38 15.28
CA THR A 176 3.96 6.31 14.74
C THR A 176 5.07 6.60 15.77
N ASP A 177 6.32 6.67 15.32
CA ASP A 177 7.43 7.14 16.16
C ASP A 177 7.96 8.44 15.57
N THR A 178 8.28 9.41 16.42
CA THR A 178 8.67 10.73 15.96
C THR A 178 9.97 11.12 16.63
N VAL A 179 10.82 11.83 15.90
CA VAL A 179 11.98 12.49 16.50
C VAL A 179 12.14 13.86 15.91
N ARG A 180 12.59 14.80 16.74
CA ARG A 180 12.89 16.13 16.26
C ARG A 180 14.37 16.19 15.88
N ILE A 181 14.64 16.74 14.71
CA ILE A 181 15.99 16.81 14.15
C ILE A 181 16.27 18.24 13.78
N ASP A 182 17.35 18.81 14.34
CA ASP A 182 17.63 20.21 14.02
C ASP A 182 18.52 20.29 12.78
N ALA A 183 17.90 20.06 11.63
CA ALA A 183 18.54 20.13 10.32
C ALA A 183 17.43 20.28 9.27
N PRO A 184 17.78 20.73 8.05
CA PRO A 184 16.78 20.84 6.98
C PRO A 184 16.16 19.49 6.65
N ALA A 185 14.90 19.50 6.26
CA ALA A 185 14.16 18.29 5.94
C ALA A 185 14.88 17.51 4.87
N LYS A 186 15.47 18.22 3.92
CA LYS A 186 16.18 17.58 2.84
C LYS A 186 17.26 16.60 3.32
N ASP A 187 18.02 16.99 4.33
CA ASP A 187 19.10 16.09 4.78
C ASP A 187 18.58 14.85 5.50
N VAL A 188 17.43 14.96 6.16
CA VAL A 188 16.84 13.83 6.83
C VAL A 188 16.20 12.90 5.77
N TYR A 189 15.39 13.50 4.92
CA TYR A 189 14.83 12.79 3.76
C TYR A 189 15.87 11.99 2.99
N ASP A 190 16.97 12.66 2.60
CA ASP A 190 18.01 12.01 1.81
C ASP A 190 18.58 10.80 2.52
N PHE A 191 18.75 10.86 3.83
CA PHE A 191 19.25 9.70 4.57
C PHE A 191 18.33 8.48 4.41
N VAL A 192 17.02 8.70 4.48
CA VAL A 192 16.04 7.58 4.35
C VAL A 192 15.82 7.17 2.88
N ASP A 193 15.86 8.14 1.97
CA ASP A 193 15.71 7.88 0.53
C ASP A 193 16.86 7.03 -0.03
N GLN A 194 18.09 7.40 0.35
CA GLN A 194 19.26 6.75 -0.19
C GLN A 194 19.58 5.47 0.53
N ALA A 195 18.71 4.48 0.35
CA ALA A 195 18.79 3.27 1.12
C ALA A 195 19.92 2.35 0.67
N ALA A 196 20.49 2.61 -0.51
CA ALA A 196 21.62 1.84 -0.97
C ALA A 196 22.79 1.97 -0.01
N LEU A 197 22.81 3.07 0.75
CA LEU A 197 23.90 3.35 1.69
C LEU A 197 23.65 2.79 3.09
N TRP A 198 22.50 2.15 3.31
CA TRP A 198 22.17 1.67 4.64
C TRP A 198 23.03 0.51 5.14
N ALA A 199 23.68 -0.25 4.26
CA ALA A 199 24.55 -1.31 4.74
C ALA A 199 25.78 -0.70 5.44
N GLU A 200 26.14 0.53 5.11
CA GLU A 200 27.29 1.18 5.75
C GLU A 200 26.85 2.14 6.86
N ARG A 201 25.56 2.45 6.94
CA ARG A 201 25.06 3.49 7.87
C ARG A 201 24.17 2.97 8.99
N LEU A 202 23.64 1.74 8.84
CA LEU A 202 22.77 1.19 9.85
C LEU A 202 23.29 -0.15 10.36
N PRO A 203 23.30 -0.35 11.68
CA PRO A 203 24.02 -1.55 12.16
C PRO A 203 23.28 -2.88 11.91
N HIS A 204 21.98 -2.82 11.76
CA HIS A 204 21.18 -4.04 11.59
C HIS A 204 21.09 -4.49 10.09
N VAL A 205 21.62 -3.68 9.19
CA VAL A 205 21.55 -3.94 7.73
C VAL A 205 22.88 -4.47 7.18
N SER A 206 22.89 -5.69 6.68
CA SER A 206 24.13 -6.29 6.17
C SER A 206 24.33 -6.14 4.68
N SER A 207 23.25 -5.94 3.94
CA SER A 207 23.35 -5.84 2.49
C SER A 207 22.08 -5.24 1.95
N VAL A 208 22.19 -4.47 0.86
CA VAL A 208 21.03 -3.80 0.22
C VAL A 208 21.09 -3.98 -1.28
N ASP A 209 19.90 -4.21 -1.85
CA ASP A 209 19.70 -4.39 -3.28
C ASP A 209 18.57 -3.44 -3.63
N LEU A 210 18.92 -2.18 -3.93
CA LEU A 210 17.96 -1.13 -4.24
C LEU A 210 17.81 -0.94 -5.75
N ARG A 211 16.61 -1.17 -6.26
CA ARG A 211 16.34 -0.97 -7.67
C ARG A 211 15.50 0.28 -7.80
N GLU A 212 15.89 1.18 -8.70
CA GLU A 212 15.12 2.39 -8.90
C GLU A 212 14.81 2.58 -10.40
N PRO A 213 13.85 1.79 -10.94
CA PRO A 213 13.57 1.76 -12.37
C PRO A 213 13.19 3.13 -12.94
N SER A 214 12.42 3.89 -12.18
CA SER A 214 12.05 5.25 -12.57
C SER A 214 12.14 6.14 -11.33
N PRO A 215 12.35 7.45 -11.51
CA PRO A 215 12.69 8.35 -10.39
C PRO A 215 11.65 8.33 -9.30
N GLY A 216 12.03 8.05 -8.06
CA GLY A 216 11.06 8.10 -6.98
C GLY A 216 10.18 6.85 -6.80
N LEU A 217 10.47 5.81 -7.56
CA LEU A 217 9.81 4.53 -7.38
C LEU A 217 10.91 3.52 -7.14
N GLN A 218 10.92 2.92 -5.95
CA GLN A 218 12.02 2.05 -5.54
C GLN A 218 11.52 0.64 -5.18
N VAL A 219 12.32 -0.39 -5.53
CA VAL A 219 12.14 -1.72 -5.03
C VAL A 219 13.33 -1.95 -4.12
N LEU A 220 13.05 -2.01 -2.83
CA LEU A 220 14.10 -2.08 -1.81
C LEU A 220 14.12 -3.47 -1.27
N ARG A 221 15.20 -4.20 -1.57
CA ARG A 221 15.45 -5.47 -0.97
C ARG A 221 16.62 -5.33 -0.03
N MET A 222 16.44 -5.82 1.18
CA MET A 222 17.55 -5.71 2.13
C MET A 222 17.66 -6.88 3.06
N ASP A 223 18.91 -7.13 3.46
CA ASP A 223 19.29 -8.14 4.41
C ASP A 223 19.49 -7.53 5.77
N THR A 224 18.81 -8.08 6.75
CA THR A 224 18.88 -7.57 8.11
C THR A 224 19.14 -8.69 9.11
N ARG A 225 19.66 -8.32 10.28
CA ARG A 225 19.73 -9.24 11.40
C ARG A 225 18.85 -8.72 12.51
N ALA A 226 17.99 -9.58 13.04
CA ALA A 226 17.05 -9.17 14.07
C ALA A 226 17.64 -9.40 15.46
N LYS A 227 16.95 -8.90 16.47
CA LYS A 227 17.40 -9.01 17.86
C LYS A 227 17.62 -10.47 18.29
N ASP A 228 16.71 -11.36 17.90
CA ASP A 228 16.77 -12.75 18.31
C ASP A 228 17.77 -13.58 17.50
N GLY A 229 18.58 -12.93 16.67
CA GLY A 229 19.62 -13.60 15.95
C GLY A 229 19.15 -14.20 14.64
N SER A 230 17.87 -14.04 14.33
CA SER A 230 17.38 -14.51 13.05
C SER A 230 17.79 -13.48 12.01
N VAL A 231 17.90 -13.92 10.77
CA VAL A 231 18.25 -13.03 9.68
C VAL A 231 17.18 -13.08 8.60
N HIS A 232 17.08 -12.00 7.85
CA HIS A 232 15.99 -11.81 6.89
C HIS A 232 16.42 -11.16 5.60
N THR A 233 15.68 -11.47 4.55
CA THR A 233 15.79 -10.79 3.27
C THR A 233 14.37 -10.36 2.91
N THR A 234 14.15 -9.06 2.79
CA THR A 234 12.82 -8.47 2.74
C THR A 234 12.73 -7.44 1.63
N GLU A 235 11.60 -7.44 0.91
CA GLU A 235 11.37 -6.48 -0.16
C GLU A 235 10.21 -5.58 0.23
N SER A 236 10.37 -4.29 -0.06
CA SER A 236 9.28 -3.35 -0.07
C SER A 236 9.33 -2.48 -1.33
N VAL A 237 8.20 -1.89 -1.69
CA VAL A 237 8.15 -0.94 -2.78
C VAL A 237 7.86 0.43 -2.16
N ARG A 238 8.67 1.42 -2.50
CA ARG A 238 8.56 2.76 -1.92
C ARG A 238 8.30 3.80 -3.01
N VAL A 239 7.50 4.77 -2.64
CA VAL A 239 7.24 5.94 -3.43
C VAL A 239 7.77 7.18 -2.68
N CYS A 240 8.66 7.89 -3.35
CA CYS A 240 9.44 8.96 -2.74
C CYS A 240 9.04 10.35 -3.32
N PHE A 241 8.76 11.28 -2.42
CA PHE A 241 8.33 12.64 -2.74
C PHE A 241 9.33 13.63 -2.08
N PRO A 242 10.31 14.12 -2.83
CA PRO A 242 11.33 15.04 -2.30
C PRO A 242 10.70 16.30 -1.78
N HIS A 243 10.97 16.77 -0.55
CA HIS A 243 11.79 16.13 0.45
C HIS A 243 10.95 15.92 1.69
N HIS A 244 9.71 15.47 1.51
CA HIS A 244 8.79 15.44 2.62
C HIS A 244 8.09 14.11 2.95
N ARG A 245 8.16 13.13 2.06
CA ARG A 245 7.42 11.92 2.29
C ARG A 245 7.97 10.75 1.52
N ILE A 246 7.98 9.61 2.18
CA ILE A 246 8.27 8.33 1.54
C ILE A 246 7.23 7.33 2.03
N VAL A 247 6.45 6.80 1.08
CA VAL A 247 5.39 5.86 1.40
C VAL A 247 5.78 4.47 0.90
N TYR A 248 5.50 3.43 1.65
CA TYR A 248 5.93 2.10 1.21
C TYR A 248 4.98 1.01 1.62
N LYS A 249 5.15 -0.12 0.95
CA LYS A 249 4.44 -1.34 1.26
C LYS A 249 5.41 -2.50 1.21
N GLN A 250 5.33 -3.36 2.22
CA GLN A 250 6.15 -4.57 2.26
C GLN A 250 5.53 -5.63 1.37
N THR A 251 6.30 -6.14 0.43
CA THR A 251 5.75 -7.10 -0.54
C THR A 251 6.09 -8.55 -0.25
N THR A 252 7.06 -8.79 0.63
CA THR A 252 7.39 -10.13 1.10
C THR A 252 7.07 -10.17 2.59
N LEU A 253 5.97 -10.80 2.96
CA LEU A 253 5.49 -10.72 4.34
C LEU A 253 5.82 -11.98 5.15
N PRO A 254 6.16 -11.78 6.42
CA PRO A 254 6.41 -12.85 7.38
C PRO A 254 5.09 -13.49 7.79
N ALA A 255 5.19 -14.62 8.48
CA ALA A 255 3.99 -15.40 8.80
C ALA A 255 2.95 -14.62 9.60
N LEU A 256 3.38 -13.68 10.43
CA LEU A 256 2.45 -12.95 11.35
C LEU A 256 1.70 -11.76 10.76
N MET A 257 2.08 -11.30 9.57
CA MET A 257 1.45 -10.12 8.99
C MET A 257 0.80 -10.47 7.66
N THR A 258 -0.43 -10.03 7.49
CA THR A 258 -1.08 -10.10 6.20
C THR A 258 -0.87 -8.80 5.42
N LEU A 259 -0.56 -7.71 6.12
CA LEU A 259 -0.27 -6.44 5.49
C LEU A 259 0.69 -5.66 6.35
N HIS A 260 1.60 -4.94 5.70
CA HIS A 260 2.44 -3.99 6.39
C HIS A 260 2.76 -2.85 5.43
N THR A 261 2.23 -1.68 5.74
CA THR A 261 2.51 -0.49 5.01
C THR A 261 3.11 0.52 5.99
N GLY A 262 3.77 1.52 5.46
CA GLY A 262 4.36 2.55 6.28
C GLY A 262 4.57 3.84 5.53
N ARG A 263 4.93 4.87 6.29
CA ARG A 263 5.10 6.19 5.74
C ARG A 263 6.16 6.93 6.60
N TRP A 264 7.15 7.49 5.92
CA TRP A 264 8.09 8.44 6.53
C TRP A 264 7.62 9.84 6.17
N ASP A 265 7.57 10.75 7.14
CA ASP A 265 7.23 12.14 6.88
C ASP A 265 8.30 13.04 7.48
N PHE A 266 8.65 14.09 6.75
CA PHE A 266 9.69 15.04 7.16
C PHE A 266 9.07 16.40 7.03
N ALA A 267 8.69 16.95 8.17
CA ALA A 267 7.96 18.22 8.22
C ALA A 267 8.88 19.34 8.73
N GLU A 268 9.06 20.40 7.95
CA GLU A 268 9.86 21.54 8.39
C GLU A 268 9.08 22.40 9.36
N GLU A 269 9.70 22.68 10.50
CA GLU A 269 9.11 23.55 11.51
C GLU A 269 9.50 25.00 11.22
N PRO A 270 8.73 25.95 11.75
CA PRO A 270 9.03 27.38 11.51
C PRO A 270 10.24 27.85 12.33
N GLY A 273 13.63 23.62 12.78
CA GLY A 273 14.02 22.20 12.70
C GLY A 273 13.15 21.34 11.77
N THR A 274 13.32 20.02 11.87
CA THR A 274 12.50 19.04 11.12
C THR A 274 11.84 18.11 12.14
N THR A 275 10.55 17.77 12.00
CA THR A 275 10.07 16.64 12.78
C THR A 275 9.89 15.47 11.79
N ALA A 276 10.63 14.42 12.10
CA ALA A 276 10.68 13.22 11.27
C ALA A 276 9.88 12.16 11.96
N SER A 277 8.99 11.51 11.21
CA SER A 277 8.20 10.46 11.75
C SER A 277 8.19 9.22 10.86
N SER A 278 7.99 8.08 11.49
CA SER A 278 7.85 6.77 10.87
C SER A 278 6.54 6.17 11.34
N GLU A 279 5.60 6.01 10.41
CA GLU A 279 4.29 5.41 10.68
C GLU A 279 4.25 4.00 10.16
N HIS A 280 3.55 3.13 10.87
CA HIS A 280 3.32 1.79 10.41
C HIS A 280 1.86 1.42 10.54
N THR A 281 1.33 0.76 9.53
CA THR A 281 0.02 0.09 9.61
C THR A 281 0.20 -1.41 9.38
N VAL A 282 -0.34 -2.20 10.30
CA VAL A 282 -0.22 -3.64 10.23
C VAL A 282 -1.59 -4.30 10.31
N VAL A 283 -1.77 -5.36 9.52
CA VAL A 283 -2.86 -6.32 9.72
C VAL A 283 -2.26 -7.65 10.09
N LEU A 284 -2.71 -8.23 11.20
CA LEU A 284 -2.18 -9.51 11.64
C LEU A 284 -2.76 -10.72 10.92
N ASN A 285 -1.96 -11.77 10.84
CA ASN A 285 -2.36 -13.05 10.28
C ASN A 285 -2.56 -13.94 11.49
N THR A 286 -3.80 -14.18 11.87
CA THR A 286 -4.07 -14.93 13.09
C THR A 286 -3.76 -16.41 12.91
N ALA A 287 -3.79 -16.90 11.66
CA ALA A 287 -3.61 -18.32 11.39
C ALA A 287 -2.25 -18.86 11.82
N ASN A 288 -1.28 -17.96 11.93
CA ASN A 288 0.10 -18.37 12.21
C ASN A 288 0.62 -17.98 13.59
N ILE A 289 -0.23 -17.41 14.43
CA ILE A 289 0.21 -16.89 15.72
C ILE A 289 0.73 -18.03 16.62
N ALA A 290 0.02 -19.15 16.61
CA ALA A 290 0.39 -20.29 17.45
C ALA A 290 1.66 -20.97 16.94
N LYS A 291 1.72 -21.19 15.62
CA LYS A 291 2.87 -21.85 15.01
C LYS A 291 4.15 -21.01 15.21
N VAL A 292 4.00 -19.71 15.31
CA VAL A 292 5.15 -18.81 15.43
C VAL A 292 5.50 -18.52 16.88
N LEU A 293 4.53 -18.08 17.66
CA LEU A 293 4.78 -17.62 19.02
C LEU A 293 4.42 -18.72 20.04
N GLY A 294 3.92 -19.85 19.55
CA GLY A 294 3.65 -20.98 20.41
C GLY A 294 2.29 -20.91 21.05
N ALA A 295 1.74 -22.09 21.35
CA ALA A 295 0.42 -22.20 21.96
C ALA A 295 0.29 -21.28 23.17
N GLY A 296 -0.90 -20.73 23.37
CA GLY A 296 -1.11 -19.82 24.47
C GLY A 296 -0.89 -18.35 24.12
N ALA A 297 -0.21 -18.10 23.00
CA ALA A 297 -0.06 -16.73 22.52
C ALA A 297 -1.30 -16.34 21.71
N GLY A 298 -1.75 -15.09 21.88
CA GLY A 298 -2.93 -14.59 21.21
C GLY A 298 -2.72 -13.31 20.42
N VAL A 299 -3.81 -12.70 19.99
CA VAL A 299 -3.75 -11.49 19.18
C VAL A 299 -3.01 -10.39 19.92
N ALA A 300 -3.34 -10.20 21.19
CA ALA A 300 -2.69 -9.15 21.98
C ALA A 300 -1.17 -9.33 21.99
N GLU A 301 -0.71 -10.58 22.13
CA GLU A 301 0.72 -10.85 22.16
C GLU A 301 1.35 -10.62 20.78
N ALA A 302 0.61 -10.94 19.73
CA ALA A 302 1.11 -10.72 18.37
C ALA A 302 1.22 -9.21 18.09
N ARG A 303 0.24 -8.42 18.53
CA ARG A 303 0.27 -6.97 18.30
C ARG A 303 1.52 -6.36 18.90
N GLU A 304 1.89 -6.79 20.10
CA GLU A 304 3.02 -6.15 20.78
C GLU A 304 4.35 -6.66 20.25
N PHE A 305 4.40 -7.93 19.87
CA PHE A 305 5.64 -8.50 19.35
C PHE A 305 6.01 -7.77 18.06
N VAL A 306 5.01 -7.64 17.19
CA VAL A 306 5.22 -7.01 15.90
C VAL A 306 5.52 -5.52 16.13
N ARG A 307 4.72 -4.86 16.98
CA ARG A 307 4.85 -3.45 17.22
C ARG A 307 6.21 -3.09 17.79
N THR A 308 6.74 -3.90 18.70
CA THR A 308 8.05 -3.57 19.25
C THR A 308 9.16 -3.78 18.22
N ALA A 309 9.12 -4.85 17.44
CA ALA A 309 10.14 -5.09 16.44
C ALA A 309 10.20 -3.92 15.44
N LEU A 310 9.04 -3.53 14.90
CA LEU A 310 8.98 -2.45 13.93
C LEU A 310 9.38 -1.10 14.53
N SER A 311 8.90 -0.82 15.73
CA SER A 311 9.09 0.47 16.35
C SER A 311 10.53 0.63 16.81
N THR A 312 11.13 -0.46 17.25
CA THR A 312 12.53 -0.46 17.60
C THR A 312 13.43 -0.11 16.39
N ASN A 313 13.23 -0.80 15.26
CA ASN A 313 14.02 -0.56 14.07
C ASN A 313 13.78 0.85 13.54
N SER A 314 12.55 1.35 13.65
CA SER A 314 12.25 2.69 13.14
C SER A 314 12.90 3.81 13.98
N ARG A 315 12.81 3.69 15.30
CA ARG A 315 13.41 4.67 16.19
C ARG A 315 14.92 4.64 16.02
N ALA A 316 15.47 3.45 15.80
CA ALA A 316 16.89 3.32 15.50
C ALA A 316 17.27 4.06 14.22
N THR A 317 16.51 3.86 13.14
CA THR A 317 16.78 4.54 11.90
C THR A 317 16.66 6.07 12.04
N LEU A 318 15.63 6.55 12.73
CA LEU A 318 15.46 7.96 12.98
C LEU A 318 16.65 8.54 13.78
N GLY A 319 17.15 7.76 14.73
CA GLY A 319 18.30 8.19 15.55
C GLY A 319 19.56 8.38 14.72
N PHE A 320 19.82 7.44 13.81
CA PHE A 320 20.97 7.55 12.92
C PHE A 320 20.77 8.61 11.87
N ALA A 321 19.52 8.84 11.44
CA ALA A 321 19.22 9.94 10.57
C ALA A 321 19.50 11.29 11.25
N LYS A 322 19.08 11.40 12.51
CA LYS A 322 19.36 12.58 13.31
C LYS A 322 20.86 12.82 13.41
N ASP A 323 21.59 11.78 13.81
CA ASP A 323 23.03 11.89 14.00
C ASP A 323 23.71 12.35 12.70
N HIS A 324 23.25 11.80 11.58
CA HIS A 324 23.85 12.10 10.30
C HIS A 324 23.55 13.53 9.82
N ALA A 325 22.29 13.95 9.95
CA ALA A 325 21.84 15.23 9.45
C ALA A 325 22.40 16.35 10.31
N GLU A 326 22.60 16.09 11.61
CA GLU A 326 23.10 17.13 12.54
C GLU A 326 24.62 17.22 12.59
N ALA A 327 25.33 16.23 12.06
CA ALA A 327 26.79 16.32 11.99
C ALA A 327 27.20 17.49 11.06
N ARG A 328 28.09 18.34 11.55
CA ARG A 328 28.60 19.48 10.83
C ARG A 328 30.05 19.69 11.20
N PRO A 329 30.94 18.84 10.69
CA PRO A 329 32.32 18.82 11.18
C PRO A 329 33.16 19.98 10.64
O1 MES B . -10.87 0.32 -8.84
C2 MES B . -10.21 -0.07 -10.02
C3 MES B . -9.02 -1.00 -9.74
N4 MES B . -8.15 -0.46 -8.76
C5 MES B . -8.89 -0.26 -7.55
C6 MES B . -9.94 0.81 -7.86
C7 MES B . -7.08 -1.42 -8.49
C8 MES B . -5.73 -0.69 -8.63
S MES B . -4.36 -1.70 -8.07
O1S MES B . -3.36 -0.71 -7.44
O2S MES B . -4.78 -2.77 -7.07
O3S MES B . -3.55 -2.34 -9.22
#